data_5TM5
#
_entry.id   5TM5
#
_cell.length_a   55.464
_cell.length_b   82.666
_cell.length_c   59.029
_cell.angle_alpha   90.00
_cell.angle_beta   110.82
_cell.angle_gamma   90.00
#
_symmetry.space_group_name_H-M   'P 1 21 1'
#
loop_
_entity.id
_entity.type
_entity.pdbx_description
1 polymer 'Estrogen receptor'
2 polymer 'Nuclear receptor coactivator 2'
3 non-polymer '5-{4-[(1S,4S,5R)-5-[(4-bromophenoxy)sulfonyl]-3-(4-hydroxyphenyl)-7-oxabicyclo[2.2.1]hept-2-en-2-yl]phenoxy}pentanoic acid'
4 water water
#
loop_
_entity_poly.entity_id
_entity_poly.type
_entity_poly.pdbx_seq_one_letter_code
_entity_poly.pdbx_strand_id
1 'polypeptide(L)'
;IKRSKKNSLALSLTADQMVSALLDAEPPILYSEYDPTRPFSEASMMGLLTNLADRELVHMINWAKRVPGFVDLTLHDQVH
LLECAWLEILMIGLVWRSMEHPGKLLFAPNLLLDRNQGKCVEGMVEIFDMLLATSSRFRMMNLQGEEFVCLKSIILLNSG
VYTFLSSTLKSLEEKDHIHRVLDKITDTLIHLMAKAGLTLQQQHQRLAQLLLILSHIRHMSNKGMEHLYSMKCKNVVPLS
DLLLEMLDAHRLHAPTS
;
A,B
2 'polypeptide(L)' KHKILHRLLQDSS C,D
#
loop_
_chem_comp.id
_chem_comp.type
_chem_comp.name
_chem_comp.formula
7EV non-polymer '5-{4-[(1S,4S,5R)-5-[(4-bromophenoxy)sulfonyl]-3-(4-hydroxyphenyl)-7-oxabicyclo[2.2.1]hept-2-en-2-yl]phenoxy}pentanoic acid' 'C29 H27 Br O8 S'
#
# COMPACT_ATOMS: atom_id res chain seq x y z
N SER A 8 1.57 4.98 29.66
CA SER A 8 2.28 5.81 28.69
C SER A 8 1.49 7.08 28.38
N LEU A 9 2.22 8.15 28.07
CA LEU A 9 1.57 9.42 27.76
C LEU A 9 0.87 9.41 26.42
N ALA A 10 1.20 8.46 25.54
CA ALA A 10 0.60 8.43 24.21
C ALA A 10 -0.89 8.14 24.28
N LEU A 11 -1.30 7.20 25.13
CA LEU A 11 -2.70 6.85 25.26
C LEU A 11 -3.49 7.84 26.10
N SER A 12 -2.82 8.79 26.76
CA SER A 12 -3.48 9.78 27.59
C SER A 12 -3.62 11.14 26.92
N LEU A 13 -3.16 11.27 25.68
CA LEU A 13 -3.26 12.54 24.96
C LEU A 13 -4.63 12.71 24.34
N THR A 14 -5.16 13.93 24.44
CA THR A 14 -6.40 14.27 23.77
C THR A 14 -6.15 14.46 22.27
N ALA A 15 -7.23 14.73 21.53
CA ALA A 15 -7.10 14.93 20.09
C ALA A 15 -6.26 16.17 19.77
N ASP A 16 -6.61 17.31 20.38
CA ASP A 16 -5.86 18.54 20.13
C ASP A 16 -4.44 18.42 20.64
N GLN A 17 -4.25 17.77 21.78
CA GLN A 17 -2.89 17.55 22.30
C GLN A 17 -2.09 16.67 21.34
N MET A 18 -2.74 15.70 20.70
CA MET A 18 -2.07 14.89 19.70
C MET A 18 -1.62 15.75 18.53
N VAL A 19 -2.52 16.57 17.99
CA VAL A 19 -2.17 17.46 16.89
C VAL A 19 -1.07 18.43 17.32
N SER A 20 -1.15 18.93 18.55
CA SER A 20 -0.13 19.84 19.05
C SER A 20 1.23 19.17 19.07
N ALA A 21 1.30 17.94 19.58
CA ALA A 21 2.58 17.24 19.65
C ALA A 21 3.15 16.97 18.25
N LEU A 22 2.29 16.56 17.32
CA LEU A 22 2.76 16.24 15.98
C LEU A 22 3.20 17.49 15.24
N LEU A 23 2.41 18.56 15.31
CA LEU A 23 2.78 19.80 14.63
C LEU A 23 4.08 20.37 15.18
N ASP A 24 4.30 20.24 16.49
CA ASP A 24 5.49 20.79 17.10
C ASP A 24 6.74 20.01 16.72
N ALA A 25 6.60 18.73 16.39
CA ALA A 25 7.73 17.88 16.07
C ALA A 25 8.09 17.88 14.58
N GLU A 26 7.49 18.77 13.79
CA GLU A 26 7.74 18.78 12.35
C GLU A 26 9.20 19.06 12.05
N PRO A 27 9.84 18.28 11.19
CA PRO A 27 11.23 18.57 10.81
C PRO A 27 11.30 19.77 9.90
N PRO A 28 12.46 20.40 9.77
CA PRO A 28 12.57 21.58 8.91
C PRO A 28 12.74 21.20 7.44
N ILE A 29 12.45 22.17 6.58
CA ILE A 29 12.62 22.02 5.14
C ILE A 29 14.06 22.38 4.80
N LEU A 30 14.83 21.40 4.37
CA LEU A 30 16.25 21.58 4.11
C LEU A 30 16.48 22.09 2.69
N TYR A 31 17.65 22.68 2.48
CA TYR A 31 18.09 23.14 1.18
C TYR A 31 19.04 22.11 0.56
N SER A 32 19.13 22.16 -0.77
CA SER A 32 20.09 21.37 -1.53
C SER A 32 21.26 22.24 -1.97
N GLU A 33 22.30 21.59 -2.49
CA GLU A 33 23.45 22.28 -3.06
C GLU A 33 23.27 22.58 -4.55
N TYR A 34 22.03 22.80 -5.00
CA TYR A 34 21.74 22.99 -6.41
C TYR A 34 22.33 24.31 -6.90
N ASP A 35 23.17 24.22 -7.93
CA ASP A 35 23.70 25.39 -8.61
C ASP A 35 22.97 25.56 -9.93
N PRO A 36 22.15 26.59 -10.09
CA PRO A 36 21.42 26.75 -11.36
C PRO A 36 22.33 26.98 -12.55
N THR A 37 23.45 27.67 -12.36
CA THR A 37 24.36 27.93 -13.47
C THR A 37 25.15 26.67 -13.86
N ARG A 38 25.46 25.82 -12.89
CA ARG A 38 26.27 24.65 -13.17
C ARG A 38 25.52 23.68 -14.08
N PRO A 39 26.21 23.02 -15.01
CA PRO A 39 25.55 22.00 -15.84
C PRO A 39 25.05 20.85 -14.99
N PHE A 40 24.07 20.13 -15.54
CA PHE A 40 23.31 19.14 -14.80
C PHE A 40 23.38 17.79 -15.54
N SER A 41 24.15 16.86 -14.99
CA SER A 41 24.18 15.51 -15.51
C SER A 41 23.20 14.63 -14.73
N GLU A 42 22.93 13.44 -15.27
CA GLU A 42 22.07 12.49 -14.58
C GLU A 42 22.67 12.11 -13.23
N ALA A 43 24.00 12.00 -13.17
CA ALA A 43 24.68 11.66 -11.92
C ALA A 43 24.74 12.83 -10.93
N SER A 44 24.66 14.06 -11.42
CA SER A 44 24.67 15.21 -10.51
C SER A 44 23.31 15.41 -9.86
N MET A 45 22.24 15.25 -10.64
CA MET A 45 20.89 15.35 -10.08
C MET A 45 20.68 14.32 -8.98
N MET A 46 21.08 13.06 -9.24
CA MET A 46 20.96 12.03 -8.22
C MET A 46 21.88 12.31 -7.03
N GLY A 47 23.08 12.83 -7.29
CA GLY A 47 23.94 13.25 -6.20
C GLY A 47 23.30 14.29 -5.32
N LEU A 48 22.56 15.22 -5.92
CA LEU A 48 21.83 16.22 -5.15
C LEU A 48 20.68 15.58 -4.37
N LEU A 49 19.95 14.66 -5.00
CA LEU A 49 18.83 14.02 -4.31
C LEU A 49 19.31 13.11 -3.19
N THR A 50 20.42 12.41 -3.41
CA THR A 50 20.96 11.54 -2.37
C THR A 50 21.46 12.34 -1.18
N ASN A 51 22.21 13.41 -1.44
CA ASN A 51 22.69 14.28 -0.36
C ASN A 51 21.52 14.84 0.45
N LEU A 52 20.47 15.29 -0.23
CA LEU A 52 19.32 15.85 0.48
C LEU A 52 18.63 14.81 1.35
N ALA A 53 18.37 13.63 0.76
CA ALA A 53 17.65 12.58 1.47
C ALA A 53 18.45 12.08 2.67
N ASP A 54 19.77 11.99 2.52
CA ASP A 54 20.62 11.59 3.64
C ASP A 54 20.52 12.59 4.80
N ARG A 55 20.50 13.89 4.50
CA ARG A 55 20.35 14.86 5.58
C ARG A 55 18.93 14.86 6.14
N GLU A 56 17.92 14.63 5.29
CA GLU A 56 16.56 14.52 5.80
C GLU A 56 16.40 13.32 6.73
N LEU A 57 17.16 12.24 6.50
CA LEU A 57 17.03 11.05 7.33
C LEU A 57 17.41 11.32 8.77
N VAL A 58 18.43 12.15 8.99
CA VAL A 58 18.84 12.49 10.35
C VAL A 58 17.71 13.20 11.08
N HIS A 59 17.05 14.14 10.41
CA HIS A 59 15.92 14.83 11.02
C HIS A 59 14.73 13.88 11.21
N MET A 60 14.51 12.97 10.24
CA MET A 60 13.40 12.03 10.37
C MET A 60 13.55 11.15 11.60
N ILE A 61 14.78 10.72 11.90
CA ILE A 61 14.99 9.85 13.04
C ILE A 61 14.64 10.56 14.34
N ASN A 62 15.03 11.84 14.46
CA ASN A 62 14.68 12.61 15.64
C ASN A 62 13.21 12.99 15.66
N TRP A 63 12.60 13.16 14.49
CA TRP A 63 11.15 13.35 14.43
C TRP A 63 10.41 12.11 14.92
N ALA A 64 10.89 10.92 14.56
CA ALA A 64 10.21 9.69 14.97
C ALA A 64 10.23 9.55 16.48
N LYS A 65 11.32 9.96 17.13
CA LYS A 65 11.38 9.91 18.59
C LYS A 65 10.28 10.73 19.24
N ARG A 66 9.82 11.80 18.58
CA ARG A 66 8.80 12.67 19.12
C ARG A 66 7.39 12.30 18.68
N VAL A 67 7.23 11.20 17.93
CA VAL A 67 5.89 10.71 17.61
C VAL A 67 5.34 9.96 18.80
N PRO A 68 4.13 10.30 19.28
CA PRO A 68 3.60 9.66 20.49
C PRO A 68 3.53 8.15 20.35
N GLY A 69 4.02 7.45 21.38
CA GLY A 69 4.04 6.00 21.40
C GLY A 69 5.28 5.37 20.81
N PHE A 70 6.03 6.10 19.99
CA PHE A 70 7.18 5.50 19.32
C PHE A 70 8.30 5.16 20.30
N VAL A 71 8.53 6.04 21.29
CA VAL A 71 9.59 5.77 22.26
C VAL A 71 9.21 4.66 23.23
N ASP A 72 7.91 4.35 23.35
CA ASP A 72 7.50 3.23 24.19
C ASP A 72 7.96 1.90 23.60
N LEU A 73 8.16 1.83 22.29
CA LEU A 73 8.56 0.61 21.64
C LEU A 73 10.01 0.26 21.97
N THR A 74 10.34 -1.01 21.79
CA THR A 74 11.72 -1.45 21.98
C THR A 74 12.60 -0.84 20.88
N LEU A 75 13.90 -0.84 21.15
CA LEU A 75 14.84 -0.29 20.18
C LEU A 75 14.86 -1.10 18.90
N HIS A 76 14.72 -2.43 19.01
CA HIS A 76 14.70 -3.28 17.82
C HIS A 76 13.51 -2.94 16.93
N ASP A 77 12.35 -2.66 17.54
CA ASP A 77 11.16 -2.34 16.75
C ASP A 77 11.25 -0.95 16.13
N GLN A 78 11.90 -0.01 16.80
CA GLN A 78 12.08 1.32 16.21
C GLN A 78 12.94 1.26 14.96
N VAL A 79 14.04 0.48 15.02
CA VAL A 79 14.86 0.24 13.84
C VAL A 79 14.03 -0.36 12.71
N HIS A 80 13.19 -1.34 13.04
CA HIS A 80 12.43 -2.04 12.01
C HIS A 80 11.40 -1.12 11.36
N LEU A 81 10.65 -0.37 12.17
CA LEU A 81 9.62 0.51 11.61
C LEU A 81 10.23 1.56 10.69
N LEU A 82 11.38 2.13 11.08
CA LEU A 82 11.99 3.17 10.26
C LEU A 82 12.64 2.59 9.00
N GLU A 83 13.18 1.38 9.08
CA GLU A 83 13.82 0.74 7.93
C GLU A 83 12.84 0.50 6.79
N CYS A 84 11.59 0.16 7.11
CA CYS A 84 10.61 -0.09 6.06
CA CYS A 84 10.58 -0.13 6.10
C CYS A 84 9.81 1.14 5.65
N ALA A 85 9.76 2.15 6.52
CA ALA A 85 8.93 3.33 6.25
C ALA A 85 9.67 4.57 5.73
N TRP A 86 11.01 4.58 5.80
CA TRP A 86 11.76 5.83 5.62
C TRP A 86 11.48 6.46 4.25
N LEU A 87 11.38 5.65 3.20
CA LEU A 87 11.16 6.22 1.87
C LEU A 87 9.73 6.72 1.72
N GLU A 88 8.75 5.97 2.27
CA GLU A 88 7.38 6.45 2.29
C GLU A 88 7.29 7.83 2.96
N ILE A 89 7.96 7.98 4.09
CA ILE A 89 7.90 9.24 4.84
C ILE A 89 8.55 10.37 4.04
N LEU A 90 9.71 10.11 3.43
CA LEU A 90 10.31 11.10 2.54
C LEU A 90 9.35 11.48 1.41
N MET A 91 8.69 10.48 0.82
CA MET A 91 7.85 10.76 -0.35
C MET A 91 6.60 11.56 0.03
N ILE A 92 5.98 11.26 1.17
CA ILE A 92 4.79 12.02 1.52
C ILE A 92 5.16 13.43 1.95
N GLY A 93 6.34 13.61 2.56
CA GLY A 93 6.82 14.96 2.81
C GLY A 93 7.05 15.74 1.53
N LEU A 94 7.69 15.11 0.54
CA LEU A 94 7.89 15.74 -0.75
C LEU A 94 6.56 16.12 -1.40
N VAL A 95 5.58 15.22 -1.33
CA VAL A 95 4.28 15.46 -1.94
C VAL A 95 3.56 16.61 -1.24
N TRP A 96 3.68 16.68 0.08
CA TRP A 96 3.05 17.75 0.85
C TRP A 96 3.65 19.11 0.50
N ARG A 97 4.99 19.21 0.45
CA ARG A 97 5.63 20.47 0.12
C ARG A 97 5.28 20.95 -1.29
N SER A 98 4.83 20.04 -2.15
CA SER A 98 4.62 20.35 -3.56
C SER A 98 3.17 20.62 -3.91
N MET A 99 2.27 20.69 -2.91
CA MET A 99 0.84 20.84 -3.20
C MET A 99 0.56 22.10 -4.01
N GLU A 100 1.17 23.22 -3.62
CA GLU A 100 0.92 24.51 -4.24
C GLU A 100 1.79 24.77 -5.46
N HIS A 101 2.37 23.72 -6.06
CA HIS A 101 3.22 23.86 -7.25
C HIS A 101 2.79 22.81 -8.27
N PRO A 102 1.69 23.06 -8.98
CA PRO A 102 1.18 22.06 -9.93
C PRO A 102 2.20 21.75 -11.02
N GLY A 103 2.41 20.47 -11.27
CA GLY A 103 3.37 20.02 -12.25
C GLY A 103 4.81 20.06 -11.81
N LYS A 104 5.09 20.39 -10.55
CA LYS A 104 6.46 20.48 -10.07
C LYS A 104 6.60 19.78 -8.73
N LEU A 105 7.77 19.21 -8.49
CA LEU A 105 8.12 18.58 -7.22
C LEU A 105 9.14 19.46 -6.51
N LEU A 106 8.76 19.98 -5.34
CA LEU A 106 9.64 20.85 -4.56
C LEU A 106 10.49 19.96 -3.66
N PHE A 107 11.61 19.48 -4.21
CA PHE A 107 12.56 18.73 -3.39
C PHE A 107 13.17 19.64 -2.31
N ALA A 108 13.44 20.88 -2.66
CA ALA A 108 13.95 21.88 -1.75
C ALA A 108 13.47 23.24 -2.22
N PRO A 109 13.45 24.26 -1.35
CA PRO A 109 13.02 25.59 -1.79
C PRO A 109 13.75 26.12 -3.01
N ASN A 110 15.00 25.69 -3.22
CA ASN A 110 15.78 26.09 -4.38
C ASN A 110 15.88 24.99 -5.44
N LEU A 111 15.06 23.93 -5.32
CA LEU A 111 15.10 22.82 -6.29
C LEU A 111 13.66 22.43 -6.63
N LEU A 112 13.17 23.00 -7.73
CA LEU A 112 11.85 22.67 -8.28
C LEU A 112 12.05 21.98 -9.62
N LEU A 113 11.51 20.78 -9.75
CA LEU A 113 11.68 19.98 -10.96
C LEU A 113 10.33 19.55 -11.50
N ASP A 114 10.15 19.72 -12.81
CA ASP A 114 9.02 19.12 -13.51
C ASP A 114 9.44 17.76 -14.06
N ARG A 115 8.51 17.06 -14.71
CA ARG A 115 8.81 15.74 -15.23
C ARG A 115 9.86 15.74 -16.34
N ASN A 116 10.16 16.91 -16.91
CA ASN A 116 11.19 16.98 -17.94
C ASN A 116 12.57 16.74 -17.35
N GLN A 117 12.87 17.39 -16.23
CA GLN A 117 14.16 17.18 -15.58
C GLN A 117 14.28 15.77 -15.00
N GLY A 118 13.15 15.18 -14.59
CA GLY A 118 13.17 13.81 -14.09
C GLY A 118 13.56 12.79 -15.13
N LYS A 119 13.42 13.14 -16.42
CA LYS A 119 13.83 12.27 -17.50
C LYS A 119 15.35 12.13 -17.61
N CYS A 120 16.11 13.02 -16.95
CA CYS A 120 17.56 12.88 -16.97
C CYS A 120 18.01 11.57 -16.33
N VAL A 121 17.26 11.08 -15.35
CA VAL A 121 17.51 9.77 -14.75
C VAL A 121 16.59 8.76 -15.41
N GLU A 122 17.15 7.65 -15.87
CA GLU A 122 16.37 6.63 -16.55
C GLU A 122 15.42 5.94 -15.57
N GLY A 123 14.18 5.71 -16.03
CA GLY A 123 13.17 5.07 -15.21
C GLY A 123 12.55 5.94 -14.14
N MET A 124 13.18 7.08 -13.81
CA MET A 124 12.66 7.97 -12.79
C MET A 124 11.34 8.63 -13.20
N VAL A 125 11.06 8.69 -14.49
CA VAL A 125 9.87 9.39 -14.99
C VAL A 125 8.60 8.82 -14.36
N GLU A 126 8.47 7.50 -14.35
CA GLU A 126 7.26 6.89 -13.81
C GLU A 126 7.06 7.24 -12.35
N ILE A 127 8.13 7.22 -11.56
CA ILE A 127 8.01 7.57 -10.15
C ILE A 127 7.67 9.05 -9.99
N PHE A 128 8.24 9.90 -10.86
CA PHE A 128 7.92 11.32 -10.82
C PHE A 128 6.44 11.57 -11.07
N ASP A 129 5.87 10.89 -12.07
CA ASP A 129 4.46 11.10 -12.41
C ASP A 129 3.54 10.64 -11.29
N MET A 130 3.89 9.56 -10.59
CA MET A 130 3.06 9.11 -9.49
C MET A 130 3.12 10.09 -8.32
N LEU A 131 4.30 10.67 -8.05
CA LEU A 131 4.40 11.68 -7.02
C LEU A 131 3.58 12.92 -7.38
N LEU A 132 3.64 13.35 -8.65
CA LEU A 132 2.81 14.46 -9.10
C LEU A 132 1.33 14.16 -8.94
N ALA A 133 0.90 12.94 -9.31
CA ALA A 133 -0.51 12.59 -9.21
C ALA A 133 -0.96 12.57 -7.75
N THR A 134 -0.09 12.09 -6.85
CA THR A 134 -0.41 12.14 -5.43
C THR A 134 -0.50 13.58 -4.94
N SER A 135 0.36 14.46 -5.47
CA SER A 135 0.34 15.85 -5.05
C SER A 135 -0.93 16.56 -5.54
N SER A 136 -1.36 16.23 -6.77
CA SER A 136 -2.59 16.80 -7.28
C SER A 136 -3.81 16.25 -6.54
N ARG A 137 -3.72 15.02 -6.02
CA ARG A 137 -4.82 14.48 -5.22
C ARG A 137 -4.95 15.21 -3.89
N PHE A 138 -3.84 15.44 -3.20
CA PHE A 138 -3.88 16.26 -1.99
C PHE A 138 -4.44 17.64 -2.28
N ARG A 139 -4.10 18.22 -3.43
CA ARG A 139 -4.58 19.56 -3.77
C ARG A 139 -6.09 19.55 -4.01
N MET A 140 -6.59 18.52 -4.68
CA MET A 140 -8.03 18.43 -4.92
C MET A 140 -8.79 18.23 -3.60
N MET A 141 -8.26 17.41 -2.70
CA MET A 141 -8.89 17.19 -1.41
C MET A 141 -8.67 18.34 -0.43
N ASN A 142 -7.80 19.29 -0.78
CA ASN A 142 -7.40 20.37 0.13
C ASN A 142 -6.94 19.79 1.47
N LEU A 143 -5.93 18.93 1.39
CA LEU A 143 -5.38 18.31 2.59
C LEU A 143 -4.85 19.38 3.55
N GLN A 144 -5.14 19.21 4.82
CA GLN A 144 -4.74 20.16 5.85
C GLN A 144 -3.45 19.71 6.52
N GLY A 145 -2.69 20.68 7.04
CA GLY A 145 -1.45 20.37 7.73
C GLY A 145 -1.68 19.47 8.94
N GLU A 146 -2.80 19.67 9.64
CA GLU A 146 -3.12 18.81 10.77
C GLU A 146 -3.40 17.38 10.33
N GLU A 147 -3.92 17.20 9.12
CA GLU A 147 -4.17 15.86 8.59
C GLU A 147 -2.91 15.21 8.05
N PHE A 148 -2.00 16.02 7.48
CA PHE A 148 -0.76 15.49 6.93
C PHE A 148 0.12 14.86 8.01
N VAL A 149 0.26 15.55 9.15
CA VAL A 149 1.12 15.02 10.21
C VAL A 149 0.52 13.75 10.80
N CYS A 150 -0.81 13.64 10.82
CA CYS A 150 -1.44 12.40 11.25
C CYS A 150 -1.10 11.27 10.29
N LEU A 151 -1.23 11.52 8.97
CA LEU A 151 -0.96 10.48 7.99
C LEU A 151 0.49 10.04 8.03
N LYS A 152 1.42 10.99 8.16
CA LYS A 152 2.84 10.65 8.19
C LYS A 152 3.16 9.79 9.40
N SER A 153 2.54 10.07 10.55
CA SER A 153 2.78 9.25 11.72
C SER A 153 2.10 7.89 11.60
N ILE A 154 1.00 7.80 10.84
CA ILE A 154 0.38 6.51 10.60
C ILE A 154 1.31 5.63 9.77
N ILE A 155 1.96 6.20 8.76
CA ILE A 155 2.90 5.45 7.93
C ILE A 155 4.01 4.86 8.79
N LEU A 156 4.54 5.66 9.72
CA LEU A 156 5.66 5.18 10.54
C LEU A 156 5.25 3.98 11.38
N LEU A 157 4.08 4.03 12.00
CA LEU A 157 3.63 2.97 12.89
C LEU A 157 2.98 1.79 12.16
N ASN A 158 2.45 2.00 10.95
CA ASN A 158 1.72 0.96 10.25
C ASN A 158 2.55 0.15 9.28
N SER A 159 3.52 0.79 8.61
CA SER A 159 4.17 0.16 7.45
C SER A 159 4.98 -1.08 7.81
N GLY A 160 5.38 -1.23 9.06
CA GLY A 160 6.21 -2.37 9.42
C GLY A 160 5.63 -3.26 10.50
N VAL A 161 4.42 -2.94 10.96
CA VAL A 161 3.83 -3.70 12.07
C VAL A 161 3.50 -5.14 11.68
N TYR A 162 3.27 -5.42 10.40
CA TYR A 162 2.99 -6.77 9.94
C TYR A 162 4.22 -7.48 9.41
N THR A 163 5.42 -6.92 9.62
CA THR A 163 6.67 -7.56 9.23
C THR A 163 7.49 -8.01 10.43
N PHE A 164 6.92 -7.98 11.63
CA PHE A 164 7.60 -8.45 12.82
C PHE A 164 7.81 -9.97 12.76
N LYS A 170 6.79 -13.98 19.49
CA LYS A 170 6.51 -14.69 20.74
C LYS A 170 5.73 -13.81 21.71
N SER A 171 6.33 -12.66 22.06
CA SER A 171 5.71 -11.69 22.96
C SER A 171 5.35 -10.46 22.13
N LEU A 172 4.19 -10.53 21.47
CA LEU A 172 3.70 -9.46 20.62
C LEU A 172 2.90 -8.41 21.39
N GLU A 173 3.23 -8.19 22.66
CA GLU A 173 2.53 -7.16 23.43
C GLU A 173 2.83 -5.77 22.90
N GLU A 174 3.98 -5.58 22.26
CA GLU A 174 4.30 -4.29 21.67
C GLU A 174 3.51 -4.04 20.39
N LYS A 175 3.17 -5.11 19.67
CA LYS A 175 2.35 -4.96 18.47
C LYS A 175 0.96 -4.47 18.83
N ASP A 176 0.39 -4.97 19.93
CA ASP A 176 -0.92 -4.51 20.37
C ASP A 176 -0.89 -3.04 20.79
N HIS A 177 0.24 -2.58 21.34
CA HIS A 177 0.34 -1.18 21.73
C HIS A 177 0.37 -0.25 20.53
N ILE A 178 0.99 -0.66 19.43
CA ILE A 178 1.02 0.16 18.23
C ILE A 178 -0.39 0.35 17.67
N HIS A 179 -1.21 -0.70 17.72
CA HIS A 179 -2.57 -0.56 17.19
C HIS A 179 -3.42 0.36 18.05
N ARG A 180 -3.16 0.41 19.37
CA ARG A 180 -3.88 1.36 20.21
C ARG A 180 -3.51 2.79 19.87
N VAL A 181 -2.25 3.03 19.50
CA VAL A 181 -1.84 4.37 19.09
C VAL A 181 -2.42 4.70 17.72
N LEU A 182 -2.47 3.72 16.82
CA LEU A 182 -3.07 3.93 15.52
C LEU A 182 -4.54 4.31 15.65
N ASP A 183 -5.27 3.64 16.56
CA ASP A 183 -6.67 3.98 16.79
C ASP A 183 -6.83 5.40 17.33
N LYS A 184 -5.91 5.83 18.19
CA LYS A 184 -5.97 7.18 18.71
C LYS A 184 -5.72 8.22 17.62
N ILE A 185 -4.86 7.90 16.65
CA ILE A 185 -4.66 8.82 15.53
C ILE A 185 -5.90 8.87 14.65
N THR A 186 -6.58 7.73 14.49
CA THR A 186 -7.83 7.72 13.76
C THR A 186 -8.87 8.61 14.44
N ASP A 187 -8.99 8.50 15.77
CA ASP A 187 -9.88 9.40 16.51
C ASP A 187 -9.48 10.85 16.29
N THR A 188 -8.18 11.12 16.16
CA THR A 188 -7.72 12.49 15.95
C THR A 188 -8.08 13.00 14.57
N LEU A 189 -7.94 12.15 13.55
CA LEU A 189 -8.36 12.54 12.21
C LEU A 189 -9.85 12.85 12.15
N ILE A 190 -10.66 12.02 12.79
CA ILE A 190 -12.10 12.26 12.83
C ILE A 190 -12.41 13.54 13.58
N HIS A 191 -11.71 13.79 14.69
CA HIS A 191 -11.93 15.02 15.46
C HIS A 191 -11.60 16.25 14.64
N LEU A 192 -10.64 16.15 13.71
CA LEU A 192 -10.32 17.26 12.84
C LEU A 192 -11.45 17.53 11.84
N MET A 193 -11.95 16.46 11.21
CA MET A 193 -12.96 16.64 10.17
C MET A 193 -14.28 17.12 10.76
N ALA A 194 -14.67 16.61 11.93
CA ALA A 194 -15.85 17.13 12.61
C ALA A 194 -15.67 18.59 12.98
N LYS A 195 -14.44 19.01 13.25
CA LYS A 195 -14.18 20.40 13.60
C LYS A 195 -14.33 21.32 12.39
N ALA A 196 -14.11 20.79 11.19
CA ALA A 196 -14.22 21.56 9.96
C ALA A 196 -15.63 21.54 9.36
N GLY A 197 -16.63 21.08 10.12
CA GLY A 197 -18.00 21.14 9.69
C GLY A 197 -18.52 19.96 8.88
N LEU A 198 -17.70 18.93 8.67
CA LEU A 198 -18.15 17.80 7.88
C LEU A 198 -19.16 16.96 8.65
N THR A 199 -20.12 16.40 7.93
CA THR A 199 -21.08 15.48 8.52
C THR A 199 -20.42 14.12 8.77
N LEU A 200 -21.15 13.25 9.46
CA LEU A 200 -20.64 11.91 9.73
C LEU A 200 -20.33 11.15 8.45
N GLN A 201 -21.24 11.23 7.47
CA GLN A 201 -20.99 10.58 6.19
C GLN A 201 -19.77 11.18 5.50
N GLN A 202 -19.57 12.49 5.64
CA GLN A 202 -18.42 13.13 5.01
C GLN A 202 -17.13 12.81 5.75
N GLN A 203 -17.19 12.68 7.08
CA GLN A 203 -16.01 12.33 7.85
C GLN A 203 -15.49 10.95 7.46
N HIS A 204 -16.38 9.95 7.43
CA HIS A 204 -15.96 8.59 7.10
C HIS A 204 -15.45 8.48 5.67
N GLN A 205 -16.05 9.25 4.74
CA GLN A 205 -15.59 9.21 3.36
C GLN A 205 -14.20 9.82 3.23
N ARG A 206 -13.96 10.97 3.87
CA ARG A 206 -12.64 11.60 3.78
C ARG A 206 -11.58 10.75 4.46
N LEU A 207 -11.90 10.15 5.61
CA LEU A 207 -10.96 9.27 6.28
C LEU A 207 -10.54 8.12 5.39
N ALA A 208 -11.49 7.55 4.65
CA ALA A 208 -11.18 6.45 3.74
C ALA A 208 -10.32 6.92 2.57
N GLN A 209 -10.67 8.08 1.98
CA GLN A 209 -9.90 8.60 0.86
C GLN A 209 -8.44 8.84 1.25
N LEU A 210 -8.22 9.38 2.45
CA LEU A 210 -6.86 9.65 2.91
C LEU A 210 -6.07 8.36 3.09
N LEU A 211 -6.68 7.37 3.75
CA LEU A 211 -5.96 6.12 4.03
C LEU A 211 -5.73 5.30 2.77
N LEU A 212 -6.60 5.43 1.76
CA LEU A 212 -6.35 4.74 0.49
C LEU A 212 -5.16 5.34 -0.24
N ILE A 213 -4.89 6.64 -0.07
CA ILE A 213 -3.70 7.26 -0.65
C ILE A 213 -2.44 6.61 -0.11
N LEU A 214 -2.47 6.14 1.15
CA LEU A 214 -1.30 5.47 1.71
C LEU A 214 -0.96 4.19 0.96
N SER A 215 -1.95 3.57 0.33
CA SER A 215 -1.68 2.40 -0.50
C SER A 215 -0.82 2.75 -1.69
N HIS A 216 -1.12 3.89 -2.33
CA HIS A 216 -0.32 4.34 -3.47
CA HIS A 216 -0.32 4.32 -3.47
C HIS A 216 1.05 4.82 -3.04
N ILE A 217 1.16 5.37 -1.83
CA ILE A 217 2.47 5.77 -1.32
C ILE A 217 3.34 4.54 -1.06
N ARG A 218 2.75 3.47 -0.51
CA ARG A 218 3.48 2.21 -0.39
C ARG A 218 3.97 1.73 -1.76
N HIS A 219 3.09 1.82 -2.77
CA HIS A 219 3.44 1.40 -4.12
C HIS A 219 4.62 2.20 -4.67
N MET A 220 4.56 3.53 -4.51
CA MET A 220 5.65 4.37 -4.97
C MET A 220 6.95 4.04 -4.25
N SER A 221 6.88 3.79 -2.93
CA SER A 221 8.07 3.44 -2.17
C SER A 221 8.67 2.12 -2.67
N ASN A 222 7.83 1.12 -2.90
CA ASN A 222 8.34 -0.16 -3.40
C ASN A 222 9.01 0.01 -4.76
N LYS A 223 8.33 0.67 -5.69
CA LYS A 223 8.92 0.94 -6.99
C LYS A 223 10.18 1.80 -6.85
N GLY A 224 10.15 2.79 -5.97
CA GLY A 224 11.33 3.60 -5.75
C GLY A 224 12.47 2.81 -5.15
N MET A 225 12.15 1.92 -4.21
CA MET A 225 13.20 1.13 -3.55
C MET A 225 13.94 0.25 -4.55
N GLU A 226 13.25 -0.30 -5.54
CA GLU A 226 13.92 -1.12 -6.54
C GLU A 226 14.68 -0.28 -7.57
N HIS A 227 14.28 0.98 -7.79
CA HIS A 227 15.11 1.86 -8.61
C HIS A 227 16.38 2.24 -7.88
N LEU A 228 16.30 2.43 -6.56
CA LEU A 228 17.51 2.72 -5.78
C LEU A 228 18.42 1.50 -5.68
N TYR A 229 17.85 0.28 -5.66
CA TYR A 229 18.70 -0.90 -5.56
C TYR A 229 19.50 -1.11 -6.85
N SER A 230 19.02 -0.59 -7.97
CA SER A 230 19.75 -0.74 -9.23
C SER A 230 20.84 0.33 -9.37
N MET A 231 20.57 1.56 -8.93
CA MET A 231 21.58 2.60 -9.04
C MET A 231 22.76 2.32 -8.12
N LYS A 232 22.54 1.57 -7.04
CA LYS A 232 23.66 1.11 -6.22
C LYS A 232 24.58 0.18 -7.00
N CYS A 233 23.99 -0.70 -7.84
CA CYS A 233 24.80 -1.59 -8.66
C CYS A 233 25.54 -0.82 -9.74
N LYS A 234 24.95 0.26 -10.26
CA LYS A 234 25.61 1.07 -11.27
C LYS A 234 26.82 1.81 -10.70
N ASN A 235 26.84 2.08 -9.40
CA ASN A 235 27.97 2.69 -8.71
C ASN A 235 28.31 4.07 -9.27
N VAL A 236 27.40 4.67 -10.04
CA VAL A 236 27.62 5.99 -10.60
C VAL A 236 27.09 7.07 -9.68
N VAL A 237 25.96 6.82 -9.02
CA VAL A 237 25.35 7.78 -8.10
C VAL A 237 25.94 7.51 -6.71
N PRO A 238 26.52 8.52 -6.05
CA PRO A 238 27.05 8.30 -4.70
C PRO A 238 25.94 7.97 -3.73
N LEU A 239 26.24 7.06 -2.80
CA LEU A 239 25.28 6.61 -1.81
C LEU A 239 25.93 6.70 -0.43
N SER A 240 25.27 7.41 0.49
CA SER A 240 25.78 7.55 1.84
C SER A 240 25.68 6.23 2.59
N ASP A 241 26.46 6.12 3.67
CA ASP A 241 26.50 4.88 4.43
C ASP A 241 25.17 4.60 5.13
N LEU A 242 24.47 5.65 5.57
CA LEU A 242 23.15 5.45 6.17
C LEU A 242 22.13 4.98 5.14
N LEU A 243 22.12 5.60 3.97
CA LEU A 243 21.16 5.20 2.94
C LEU A 243 21.44 3.79 2.43
N LEU A 244 22.71 3.39 2.36
CA LEU A 244 23.04 2.02 2.00
C LEU A 244 22.54 1.03 3.04
N GLU A 245 22.57 1.42 4.32
CA GLU A 245 22.01 0.55 5.36
C GLU A 245 20.49 0.52 5.30
N MET A 246 19.86 1.65 4.94
CA MET A 246 18.42 1.66 4.75
C MET A 246 18.01 0.88 3.51
N LEU A 247 18.81 0.99 2.43
CA LEU A 247 18.49 0.30 1.20
C LEU A 247 18.69 -1.20 1.34
N ASP A 248 19.74 -1.61 2.05
CA ASP A 248 19.98 -3.04 2.28
C ASP A 248 18.93 -3.66 3.20
N ALA A 249 18.17 -2.84 3.92
CA ALA A 249 17.11 -3.37 4.78
C ALA A 249 15.92 -3.90 4.00
N HIS A 250 15.84 -3.60 2.69
CA HIS A 250 14.76 -4.10 1.86
C HIS A 250 15.21 -5.17 0.87
N ARG A 251 16.50 -5.51 0.86
CA ARG A 251 17.02 -6.55 -0.01
C ARG A 251 17.57 -7.72 0.78
N ASN B 7 -25.14 8.65 -16.62
CA ASN B 7 -24.99 8.37 -15.20
C ASN B 7 -24.92 6.87 -14.93
N SER B 8 -24.34 6.51 -13.78
CA SER B 8 -24.07 5.13 -13.44
C SER B 8 -25.19 4.56 -12.57
N LEU B 9 -25.25 3.22 -12.52
CA LEU B 9 -26.26 2.51 -11.75
C LEU B 9 -25.81 2.22 -10.31
N ALA B 10 -24.50 2.19 -10.06
CA ALA B 10 -24.01 1.78 -8.74
C ALA B 10 -24.35 2.81 -7.66
N LEU B 11 -24.45 4.09 -8.03
CA LEU B 11 -24.69 5.12 -7.05
C LEU B 11 -26.13 5.15 -6.54
N SER B 12 -27.06 4.56 -7.28
CA SER B 12 -28.45 4.51 -6.84
C SER B 12 -28.72 3.33 -5.91
N LEU B 13 -27.84 2.34 -5.89
CA LEU B 13 -28.04 1.16 -5.05
C LEU B 13 -27.93 1.53 -3.58
N THR B 14 -28.84 1.01 -2.78
CA THR B 14 -28.73 1.14 -1.33
C THR B 14 -27.57 0.30 -0.82
N ALA B 15 -27.30 0.42 0.49
CA ALA B 15 -26.18 -0.30 1.08
C ALA B 15 -26.39 -1.81 1.01
N ASP B 16 -27.61 -2.27 1.28
CA ASP B 16 -27.90 -3.70 1.21
C ASP B 16 -27.85 -4.20 -0.22
N GLN B 17 -28.36 -3.41 -1.17
CA GLN B 17 -28.26 -3.77 -2.57
C GLN B 17 -26.82 -3.87 -3.03
N MET B 18 -25.93 -3.05 -2.46
CA MET B 18 -24.51 -3.14 -2.80
C MET B 18 -23.89 -4.42 -2.25
N VAL B 19 -24.23 -4.78 -1.01
CA VAL B 19 -23.68 -5.99 -0.41
C VAL B 19 -24.13 -7.22 -1.19
N SER B 20 -25.44 -7.32 -1.47
CA SER B 20 -25.97 -8.49 -2.17
C SER B 20 -25.37 -8.61 -3.56
N ALA B 21 -25.20 -7.50 -4.26
CA ALA B 21 -24.60 -7.54 -5.59
C ALA B 21 -23.16 -8.05 -5.53
N LEU B 22 -22.42 -7.68 -4.48
CA LEU B 22 -21.04 -8.14 -4.36
C LEU B 22 -20.98 -9.60 -3.93
N LEU B 23 -21.84 -9.99 -2.99
CA LEU B 23 -21.89 -11.39 -2.56
C LEU B 23 -22.24 -12.31 -3.72
N ASP B 24 -23.25 -11.95 -4.50
CA ASP B 24 -23.67 -12.79 -5.62
C ASP B 24 -22.62 -12.88 -6.71
N ALA B 25 -21.72 -11.91 -6.79
CA ALA B 25 -20.67 -11.89 -7.81
C ALA B 25 -19.44 -12.68 -7.39
N GLU B 26 -19.44 -13.28 -6.21
CA GLU B 26 -18.25 -13.96 -5.71
C GLU B 26 -17.84 -15.10 -6.64
N PRO B 27 -16.57 -15.19 -7.01
CA PRO B 27 -16.12 -16.29 -7.86
C PRO B 27 -16.07 -17.59 -7.07
N PRO B 28 -16.03 -18.73 -7.75
CA PRO B 28 -15.98 -20.01 -7.03
C PRO B 28 -14.57 -20.35 -6.56
N ILE B 29 -14.52 -21.23 -5.57
CA ILE B 29 -13.25 -21.75 -5.06
C ILE B 29 -12.83 -22.92 -5.95
N LEU B 30 -11.77 -22.72 -6.71
CA LEU B 30 -11.26 -23.72 -7.64
C LEU B 30 -10.35 -24.71 -6.93
N TYR B 31 -10.09 -25.82 -7.61
CA TYR B 31 -9.27 -26.90 -7.09
C TYR B 31 -7.92 -26.94 -7.80
N SER B 32 -6.94 -27.51 -7.11
CA SER B 32 -5.66 -27.85 -7.72
C SER B 32 -5.74 -29.26 -8.32
N GLU B 33 -4.66 -29.65 -9.00
CA GLU B 33 -4.60 -30.99 -9.58
C GLU B 33 -4.64 -32.05 -8.48
N TYR B 34 -5.31 -33.16 -8.77
CA TYR B 34 -5.70 -34.10 -7.71
C TYR B 34 -4.62 -35.12 -7.37
N ASP B 35 -3.76 -35.50 -8.31
CA ASP B 35 -2.63 -36.34 -7.94
C ASP B 35 -1.58 -35.46 -7.30
N PRO B 36 -1.47 -35.46 -5.98
CA PRO B 36 -0.65 -34.42 -5.32
C PRO B 36 0.83 -34.66 -5.46
N THR B 37 1.28 -35.89 -5.22
CA THR B 37 2.69 -36.19 -4.98
C THR B 37 3.25 -35.16 -4.00
N ARG B 38 2.67 -35.17 -2.81
CA ARG B 38 2.75 -34.05 -1.88
C ARG B 38 4.15 -33.50 -1.64
N PRO B 39 5.21 -34.32 -1.50
CA PRO B 39 6.56 -33.74 -1.46
C PRO B 39 6.89 -32.97 -2.74
N PHE B 40 6.83 -31.65 -2.67
CA PHE B 40 6.94 -30.80 -3.85
C PHE B 40 8.38 -30.41 -4.14
N SER B 41 8.66 -30.16 -5.41
CA SER B 41 9.88 -29.50 -5.85
C SER B 41 9.56 -28.06 -6.21
N GLU B 42 10.56 -27.33 -6.67
CA GLU B 42 10.32 -25.94 -7.06
C GLU B 42 9.50 -25.87 -8.34
N ALA B 43 9.81 -26.73 -9.31
CA ALA B 43 9.09 -26.69 -10.58
C ALA B 43 7.65 -27.18 -10.42
N SER B 44 7.44 -28.18 -9.55
CA SER B 44 6.09 -28.72 -9.38
C SER B 44 5.20 -27.78 -8.59
N MET B 45 5.70 -27.22 -7.48
CA MET B 45 4.89 -26.30 -6.70
C MET B 45 4.56 -25.04 -7.49
N MET B 46 5.54 -24.49 -8.21
CA MET B 46 5.26 -23.34 -9.05
C MET B 46 4.32 -23.68 -10.20
N GLY B 47 4.38 -24.92 -10.70
CA GLY B 47 3.44 -25.33 -11.73
C GLY B 47 2.01 -25.38 -11.22
N LEU B 48 1.81 -25.95 -10.03
CA LEU B 48 0.47 -25.99 -9.45
C LEU B 48 -0.06 -24.58 -9.18
N LEU B 49 0.79 -23.70 -8.66
CA LEU B 49 0.34 -22.35 -8.34
C LEU B 49 0.04 -21.55 -9.60
N THR B 50 0.87 -21.70 -10.64
CA THR B 50 0.64 -20.99 -11.89
C THR B 50 -0.64 -21.46 -12.57
N ASN B 51 -0.84 -22.77 -12.65
CA ASN B 51 -2.07 -23.30 -13.25
C ASN B 51 -3.30 -22.84 -12.50
N LEU B 52 -3.23 -22.78 -11.18
CA LEU B 52 -4.37 -22.34 -10.38
C LEU B 52 -4.62 -20.85 -10.58
N ALA B 53 -3.57 -20.03 -10.54
CA ALA B 53 -3.73 -18.59 -10.70
C ALA B 53 -4.25 -18.24 -12.09
N ASP B 54 -3.86 -19.02 -13.11
CA ASP B 54 -4.33 -18.75 -14.46
C ASP B 54 -5.84 -19.00 -14.59
N ARG B 55 -6.35 -20.03 -13.91
CA ARG B 55 -7.78 -20.30 -13.97
C ARG B 55 -8.57 -19.33 -13.11
N GLU B 56 -8.02 -18.91 -11.97
CA GLU B 56 -8.68 -17.90 -11.14
C GLU B 56 -8.79 -16.58 -11.88
N LEU B 57 -7.82 -16.25 -12.73
CA LEU B 57 -7.86 -14.97 -13.43
C LEU B 57 -9.08 -14.86 -14.33
N VAL B 58 -9.47 -15.97 -14.96
CA VAL B 58 -10.65 -15.97 -15.82
C VAL B 58 -11.90 -15.62 -15.02
N HIS B 59 -12.04 -16.20 -13.82
CA HIS B 59 -13.18 -15.88 -12.99
C HIS B 59 -13.10 -14.44 -12.45
N MET B 60 -11.89 -13.96 -12.14
CA MET B 60 -11.76 -12.61 -11.62
C MET B 60 -12.24 -11.58 -12.64
N ILE B 61 -11.90 -11.79 -13.92
CA ILE B 61 -12.33 -10.85 -14.97
C ILE B 61 -13.84 -10.81 -15.07
N ASN B 62 -14.50 -11.95 -14.88
CA ASN B 62 -15.96 -11.96 -14.88
C ASN B 62 -16.52 -11.44 -13.57
N TRP B 63 -15.80 -11.63 -12.46
CA TRP B 63 -16.22 -11.00 -11.21
C TRP B 63 -16.13 -9.48 -11.31
N ALA B 64 -15.10 -8.97 -12.00
CA ALA B 64 -14.91 -7.53 -12.09
C ALA B 64 -16.06 -6.85 -12.83
N LYS B 65 -16.55 -7.48 -13.90
CA LYS B 65 -17.68 -6.92 -14.65
C LYS B 65 -18.90 -6.76 -13.77
N ARG B 66 -19.06 -7.61 -12.76
CA ARG B 66 -20.22 -7.57 -11.88
C ARG B 66 -20.01 -6.66 -10.67
N VAL B 67 -18.85 -6.05 -10.51
CA VAL B 67 -18.63 -5.07 -9.46
C VAL B 67 -19.38 -3.80 -9.86
N PRO B 68 -20.35 -3.35 -9.05
CA PRO B 68 -21.20 -2.23 -9.49
C PRO B 68 -20.38 -0.98 -9.77
N GLY B 69 -20.55 -0.43 -10.97
CA GLY B 69 -19.81 0.72 -11.42
C GLY B 69 -18.64 0.40 -12.32
N PHE B 70 -18.14 -0.84 -12.29
CA PHE B 70 -17.00 -1.21 -13.10
C PHE B 70 -17.34 -1.27 -14.59
N VAL B 71 -18.56 -1.69 -14.92
CA VAL B 71 -18.96 -1.77 -16.33
C VAL B 71 -19.07 -0.39 -16.96
N ASP B 72 -19.26 0.66 -16.16
CA ASP B 72 -19.43 2.02 -16.68
C ASP B 72 -18.12 2.66 -17.10
N LEU B 73 -16.98 2.00 -16.89
CA LEU B 73 -15.69 2.51 -17.31
C LEU B 73 -15.41 2.12 -18.75
N THR B 74 -14.50 2.85 -19.38
CA THR B 74 -14.03 2.48 -20.70
C THR B 74 -13.26 1.17 -20.63
N LEU B 75 -13.11 0.52 -21.78
CA LEU B 75 -12.37 -0.74 -21.83
C LEU B 75 -10.92 -0.54 -21.43
N HIS B 76 -10.30 0.56 -21.87
CA HIS B 76 -8.92 0.84 -21.50
C HIS B 76 -8.78 1.01 -19.99
N ASP B 77 -9.75 1.68 -19.36
CA ASP B 77 -9.69 1.89 -17.91
C ASP B 77 -9.90 0.58 -17.15
N GLN B 78 -10.81 -0.26 -17.62
CA GLN B 78 -10.98 -1.58 -16.99
C GLN B 78 -9.70 -2.39 -17.10
N VAL B 79 -9.04 -2.34 -18.26
CA VAL B 79 -7.78 -3.06 -18.44
C VAL B 79 -6.73 -2.56 -17.45
N HIS B 80 -6.62 -1.23 -17.30
CA HIS B 80 -5.60 -0.67 -16.43
C HIS B 80 -5.81 -1.10 -14.98
N LEU B 81 -7.05 -1.06 -14.50
CA LEU B 81 -7.32 -1.42 -13.11
C LEU B 81 -7.02 -2.88 -12.84
N LEU B 82 -7.41 -3.77 -13.75
CA LEU B 82 -7.18 -5.20 -13.53
C LEU B 82 -5.69 -5.54 -13.64
N GLU B 83 -4.98 -4.91 -14.56
CA GLU B 83 -3.55 -5.14 -14.72
C GLU B 83 -2.76 -4.76 -13.47
N CYS B 84 -3.18 -3.69 -12.80
CA CYS B 84 -2.48 -3.19 -11.63
CA CYS B 84 -2.46 -3.23 -11.61
C CYS B 84 -2.88 -3.92 -10.33
N ALA B 85 -4.11 -4.44 -10.28
CA ALA B 85 -4.64 -5.03 -9.05
C ALA B 85 -4.76 -6.57 -9.00
N TRP B 86 -4.42 -7.26 -10.09
CA TRP B 86 -4.78 -8.67 -10.18
C TRP B 86 -4.09 -9.51 -9.11
N LEU B 87 -2.83 -9.21 -8.80
CA LEU B 87 -2.15 -10.00 -7.79
C LEU B 87 -2.65 -9.67 -6.38
N GLU B 88 -2.95 -8.40 -6.11
CA GLU B 88 -3.58 -8.03 -4.85
C GLU B 88 -4.89 -8.79 -4.63
N ILE B 89 -5.71 -8.86 -5.68
CA ILE B 89 -7.01 -9.51 -5.58
C ILE B 89 -6.85 -11.02 -5.35
N LEU B 90 -5.87 -11.63 -6.02
CA LEU B 90 -5.59 -13.04 -5.75
C LEU B 90 -5.15 -13.24 -4.31
N MET B 91 -4.32 -12.33 -3.80
CA MET B 91 -3.76 -12.50 -2.45
C MET B 91 -4.82 -12.30 -1.38
N ILE B 92 -5.66 -11.26 -1.49
CA ILE B 92 -6.70 -11.09 -0.49
C ILE B 92 -7.72 -12.23 -0.57
N GLY B 93 -7.90 -12.81 -1.76
CA GLY B 93 -8.71 -14.02 -1.85
C GLY B 93 -8.07 -15.18 -1.12
N LEU B 94 -6.78 -15.41 -1.34
CA LEU B 94 -6.08 -16.49 -0.65
C LEU B 94 -6.08 -16.27 0.85
N VAL B 95 -5.80 -15.04 1.28
CA VAL B 95 -5.76 -14.72 2.71
C VAL B 95 -7.12 -14.96 3.36
N TRP B 96 -8.19 -14.61 2.66
CA TRP B 96 -9.53 -14.80 3.21
C TRP B 96 -9.88 -16.27 3.35
N ARG B 97 -9.48 -17.10 2.38
CA ARG B 97 -9.74 -18.54 2.49
C ARG B 97 -8.96 -19.17 3.64
N SER B 98 -7.80 -18.62 3.97
CA SER B 98 -6.90 -19.20 4.96
C SER B 98 -7.21 -18.76 6.38
N MET B 99 -8.31 -18.04 6.59
CA MET B 99 -8.60 -17.52 7.93
C MET B 99 -8.78 -18.66 8.94
N GLU B 100 -9.65 -19.60 8.62
CA GLU B 100 -9.97 -20.70 9.52
C GLU B 100 -8.88 -21.78 9.58
N HIS B 101 -7.72 -21.53 8.96
CA HIS B 101 -6.60 -22.46 8.98
C HIS B 101 -5.35 -21.70 9.44
N PRO B 102 -5.23 -21.43 10.73
CA PRO B 102 -4.07 -20.67 11.21
C PRO B 102 -2.77 -21.41 10.94
N GLY B 103 -1.76 -20.67 10.46
CA GLY B 103 -0.49 -21.26 10.10
C GLY B 103 -0.47 -21.97 8.76
N LYS B 104 -1.56 -21.93 8.00
CA LYS B 104 -1.64 -22.59 6.71
C LYS B 104 -2.22 -21.63 5.67
N LEU B 105 -1.88 -21.87 4.41
CA LEU B 105 -2.41 -21.11 3.27
C LEU B 105 -3.25 -22.05 2.42
N LEU B 106 -4.56 -21.78 2.36
CA LEU B 106 -5.50 -22.61 1.59
C LEU B 106 -5.53 -22.08 0.16
N PHE B 107 -4.55 -22.52 -0.63
CA PHE B 107 -4.56 -22.19 -2.06
C PHE B 107 -5.76 -22.83 -2.75
N ALA B 108 -6.09 -24.05 -2.38
CA ALA B 108 -7.26 -24.77 -2.88
C ALA B 108 -7.71 -25.74 -1.80
N PRO B 109 -8.95 -26.21 -1.85
CA PRO B 109 -9.40 -27.19 -0.84
C PRO B 109 -8.54 -28.45 -0.79
N ASN B 110 -7.81 -28.77 -1.87
CA ASN B 110 -6.90 -29.90 -1.89
C ASN B 110 -5.43 -29.45 -1.94
N LEU B 111 -5.13 -28.29 -1.35
CA LEU B 111 -3.80 -27.71 -1.45
C LEU B 111 -3.62 -26.75 -0.27
N LEU B 112 -3.35 -27.33 0.90
CA LEU B 112 -3.08 -26.59 2.14
C LEU B 112 -1.58 -26.65 2.39
N LEU B 113 -0.92 -25.49 2.36
CA LEU B 113 0.52 -25.40 2.50
C LEU B 113 0.88 -24.61 3.76
N ASP B 114 1.99 -24.99 4.38
CA ASP B 114 2.57 -24.26 5.50
C ASP B 114 3.87 -23.60 5.05
N ARG B 115 4.51 -22.87 5.98
CA ARG B 115 5.70 -22.12 5.63
C ARG B 115 6.88 -23.03 5.28
N ASN B 116 6.86 -24.28 5.71
CA ASN B 116 7.91 -25.22 5.30
C ASN B 116 7.82 -25.53 3.82
N GLN B 117 6.59 -25.62 3.29
CA GLN B 117 6.42 -25.87 1.85
C GLN B 117 6.89 -24.69 1.02
N GLY B 118 6.74 -23.48 1.53
CA GLY B 118 7.22 -22.30 0.82
C GLY B 118 8.72 -22.20 0.67
N LYS B 119 9.47 -23.17 1.17
CA LYS B 119 10.93 -23.13 1.10
C LYS B 119 11.46 -23.76 -0.18
N CYS B 120 10.66 -24.59 -0.83
CA CYS B 120 11.06 -25.18 -2.11
C CYS B 120 11.27 -24.10 -3.17
N VAL B 121 10.59 -22.97 -3.01
CA VAL B 121 10.83 -21.79 -3.82
C VAL B 121 11.40 -20.72 -2.90
N MET B 124 10.25 -18.00 -1.80
CA MET B 124 9.09 -17.18 -1.47
C MET B 124 8.66 -17.39 -0.02
N VAL B 125 9.61 -17.71 0.86
CA VAL B 125 9.28 -17.92 2.26
C VAL B 125 8.84 -16.61 2.91
N GLU B 126 9.46 -15.50 2.52
CA GLU B 126 9.10 -14.21 3.11
C GLU B 126 7.68 -13.80 2.72
N ILE B 127 7.27 -14.10 1.49
CA ILE B 127 5.92 -13.75 1.07
C ILE B 127 4.90 -14.65 1.76
N PHE B 128 5.26 -15.92 2.01
CA PHE B 128 4.39 -16.81 2.78
C PHE B 128 4.10 -16.23 4.15
N ASP B 129 5.16 -15.85 4.88
CA ASP B 129 4.98 -15.31 6.22
C ASP B 129 4.11 -14.05 6.21
N MET B 130 4.29 -13.20 5.21
CA MET B 130 3.46 -12.01 5.11
C MET B 130 2.00 -12.36 4.89
N LEU B 131 1.74 -13.34 4.01
CA LEU B 131 0.36 -13.79 3.77
C LEU B 131 -0.24 -14.39 5.04
N LEU B 132 0.51 -15.25 5.72
CA LEU B 132 0.04 -15.84 6.97
C LEU B 132 -0.24 -14.77 8.02
N ALA B 133 0.63 -13.75 8.10
CA ALA B 133 0.41 -12.66 9.06
C ALA B 133 -0.87 -11.89 8.73
N THR B 134 -1.15 -11.68 7.45
CA THR B 134 -2.39 -10.98 7.07
C THR B 134 -3.62 -11.82 7.43
N SER B 135 -3.56 -13.14 7.19
CA SER B 135 -4.67 -14.01 7.55
C SER B 135 -4.91 -14.02 9.05
N SER B 136 -3.83 -14.06 9.84
CA SER B 136 -3.98 -14.04 11.29
C SER B 136 -4.56 -12.71 11.76
N ARG B 137 -4.21 -11.61 11.09
CA ARG B 137 -4.78 -10.31 11.43
C ARG B 137 -6.27 -10.27 11.13
N PHE B 138 -6.67 -10.76 9.95
CA PHE B 138 -8.09 -10.84 9.63
C PHE B 138 -8.83 -11.70 10.65
N ARG B 139 -8.19 -12.77 11.12
CA ARG B 139 -8.84 -13.65 12.09
C ARG B 139 -8.98 -12.96 13.45
N MET B 140 -7.99 -12.15 13.84
CA MET B 140 -8.11 -11.39 15.08
C MET B 140 -9.25 -10.37 14.99
N MET B 141 -9.37 -9.70 13.85
CA MET B 141 -10.43 -8.71 13.67
C MET B 141 -11.81 -9.34 13.45
N ASN B 142 -11.88 -10.65 13.28
CA ASN B 142 -13.12 -11.35 12.95
C ASN B 142 -13.76 -10.75 11.69
N LEU B 143 -12.94 -10.66 10.64
CA LEU B 143 -13.41 -10.10 9.37
C LEU B 143 -14.57 -10.91 8.82
N GLN B 144 -15.65 -10.22 8.47
CA GLN B 144 -16.86 -10.85 7.96
C GLN B 144 -16.88 -10.82 6.44
N GLY B 145 -17.60 -11.79 5.86
CA GLY B 145 -17.63 -11.91 4.41
C GLY B 145 -18.17 -10.69 3.72
N GLU B 146 -19.16 -10.03 4.32
CA GLU B 146 -19.67 -8.77 3.78
C GLU B 146 -18.58 -7.70 3.77
N GLU B 147 -17.68 -7.70 4.74
CA GLU B 147 -16.57 -6.75 4.74
C GLU B 147 -15.52 -7.14 3.70
N PHE B 148 -15.30 -8.44 3.52
CA PHE B 148 -14.25 -8.90 2.61
C PHE B 148 -14.57 -8.52 1.16
N VAL B 149 -15.82 -8.69 0.75
CA VAL B 149 -16.18 -8.37 -0.63
C VAL B 149 -16.10 -6.87 -0.88
N CYS B 150 -16.34 -6.06 0.15
CA CYS B 150 -16.15 -4.61 0.00
C CYS B 150 -14.67 -4.28 -0.16
N LEU B 151 -13.81 -4.91 0.64
CA LEU B 151 -12.37 -4.63 0.55
C LEU B 151 -11.81 -5.03 -0.80
N LYS B 152 -12.27 -6.16 -1.35
CA LYS B 152 -11.70 -6.64 -2.61
C LYS B 152 -12.09 -5.75 -3.78
N SER B 153 -13.32 -5.23 -3.78
CA SER B 153 -13.71 -4.28 -4.81
C SER B 153 -13.01 -2.93 -4.61
N ILE B 154 -12.76 -2.53 -3.37
CA ILE B 154 -11.99 -1.30 -3.15
C ILE B 154 -10.60 -1.43 -3.78
N ILE B 155 -9.96 -2.59 -3.61
CA ILE B 155 -8.65 -2.83 -4.23
C ILE B 155 -8.75 -2.70 -5.74
N LEU B 156 -9.77 -3.30 -6.34
CA LEU B 156 -9.93 -3.27 -7.79
C LEU B 156 -9.98 -1.83 -8.32
N LEU B 157 -10.77 -0.98 -7.66
CA LEU B 157 -10.99 0.39 -8.12
C LEU B 157 -9.91 1.36 -7.67
N ASN B 158 -9.25 1.09 -6.54
CA ASN B 158 -8.32 2.08 -5.99
C ASN B 158 -6.90 1.92 -6.51
N SER B 159 -6.44 0.68 -6.70
CA SER B 159 -5.01 0.45 -6.85
C SER B 159 -4.43 1.12 -8.09
N GLY B 160 -5.24 1.36 -9.11
CA GLY B 160 -4.71 1.95 -10.33
C GLY B 160 -5.27 3.32 -10.69
N VAL B 161 -6.16 3.87 -9.87
CA VAL B 161 -6.83 5.12 -10.25
C VAL B 161 -5.87 6.30 -10.21
N TYR B 162 -4.83 6.24 -9.38
CA TYR B 162 -3.85 7.32 -9.30
C TYR B 162 -2.80 7.26 -10.40
N THR B 163 -2.84 6.22 -11.24
CA THR B 163 -1.89 6.07 -12.33
C THR B 163 -2.55 6.30 -13.70
N PHE B 164 -3.67 7.03 -13.73
CA PHE B 164 -4.33 7.37 -14.98
C PHE B 164 -3.66 8.59 -15.63
N LYS B 175 -11.75 9.37 -13.30
CA LYS B 175 -11.35 9.37 -11.91
C LYS B 175 -12.51 9.76 -10.99
N ASP B 176 -13.28 10.77 -11.41
CA ASP B 176 -14.36 11.26 -10.57
C ASP B 176 -15.44 10.19 -10.38
N HIS B 177 -15.71 9.41 -11.43
CA HIS B 177 -16.66 8.31 -11.31
C HIS B 177 -16.14 7.25 -10.36
N ILE B 178 -14.86 6.91 -10.47
CA ILE B 178 -14.27 5.86 -9.62
C ILE B 178 -14.30 6.28 -8.16
N HIS B 179 -13.89 7.52 -7.86
CA HIS B 179 -13.90 7.98 -6.49
C HIS B 179 -15.32 8.06 -5.92
N ARG B 180 -16.30 8.39 -6.76
CA ARG B 180 -17.69 8.37 -6.29
C ARG B 180 -18.11 6.93 -5.95
N VAL B 181 -17.64 5.96 -6.72
CA VAL B 181 -17.95 4.57 -6.40
C VAL B 181 -17.20 4.14 -5.15
N LEU B 182 -15.96 4.60 -4.98
CA LEU B 182 -15.19 4.26 -3.78
C LEU B 182 -15.88 4.77 -2.53
N ASP B 183 -16.37 6.02 -2.57
CA ASP B 183 -17.14 6.55 -1.44
C ASP B 183 -18.38 5.70 -1.18
N LYS B 184 -19.01 5.16 -2.24
CA LYS B 184 -20.19 4.33 -2.07
C LYS B 184 -19.89 3.08 -1.25
N ILE B 185 -18.75 2.44 -1.53
CA ILE B 185 -18.35 1.27 -0.75
C ILE B 185 -18.01 1.65 0.68
N THR B 186 -17.41 2.83 0.87
CA THR B 186 -17.15 3.30 2.23
C THR B 186 -18.45 3.40 3.02
N ASP B 187 -19.49 3.99 2.42
CA ASP B 187 -20.79 4.03 3.08
C ASP B 187 -21.29 2.62 3.38
N THR B 188 -21.00 1.68 2.48
CA THR B 188 -21.46 0.30 2.67
C THR B 188 -20.73 -0.36 3.83
N LEU B 189 -19.43 -0.10 3.98
CA LEU B 189 -18.67 -0.67 5.09
C LEU B 189 -19.17 -0.15 6.43
N ILE B 190 -19.33 1.18 6.55
CA ILE B 190 -19.86 1.76 7.78
C ILE B 190 -21.26 1.22 8.06
N HIS B 191 -22.09 1.11 7.02
CA HIS B 191 -23.45 0.57 7.21
C HIS B 191 -23.41 -0.86 7.72
N LEU B 192 -22.38 -1.63 7.36
CA LEU B 192 -22.22 -2.98 7.87
C LEU B 192 -21.76 -3.01 9.32
N MET B 193 -20.99 -2.01 9.74
CA MET B 193 -20.49 -1.99 11.12
C MET B 193 -21.54 -1.47 12.10
N ALA B 194 -22.31 -0.46 11.69
CA ALA B 194 -23.43 -0.02 12.53
C ALA B 194 -24.47 -1.12 12.67
N LYS B 195 -24.61 -1.96 11.64
CA LYS B 195 -25.56 -3.08 11.71
C LYS B 195 -25.12 -4.13 12.71
N ALA B 196 -23.81 -4.31 12.89
CA ALA B 196 -23.28 -5.27 13.84
C ALA B 196 -23.22 -4.73 15.27
N GLY B 197 -23.71 -3.51 15.50
CA GLY B 197 -23.79 -2.96 16.83
C GLY B 197 -22.62 -2.12 17.28
N LEU B 198 -21.62 -1.91 16.42
CA LEU B 198 -20.46 -1.12 16.81
C LEU B 198 -20.85 0.34 17.03
N THR B 199 -20.21 0.96 18.01
CA THR B 199 -20.46 2.37 18.29
C THR B 199 -19.85 3.23 17.17
N LEU B 200 -20.06 4.55 17.28
CA LEU B 200 -19.51 5.46 16.28
C LEU B 200 -17.99 5.44 16.29
N GLN B 201 -17.38 5.48 17.49
CA GLN B 201 -15.93 5.44 17.57
C GLN B 201 -15.38 4.11 17.04
N GLN B 202 -16.07 3.02 17.35
CA GLN B 202 -15.64 1.72 16.84
C GLN B 202 -15.83 1.59 15.33
N GLN B 203 -16.74 2.38 14.74
CA GLN B 203 -16.99 2.28 13.31
C GLN B 203 -15.83 2.82 12.50
N HIS B 204 -15.34 4.03 12.83
CA HIS B 204 -14.24 4.59 12.07
C HIS B 204 -12.90 3.98 12.46
N GLN B 205 -12.78 3.47 13.70
CA GLN B 205 -11.56 2.76 14.07
C GLN B 205 -11.42 1.47 13.28
N ARG B 206 -12.51 0.71 13.14
CA ARG B 206 -12.45 -0.53 12.36
C ARG B 206 -12.28 -0.23 10.88
N LEU B 207 -12.92 0.83 10.39
CA LEU B 207 -12.72 1.23 8.99
C LEU B 207 -11.26 1.52 8.71
N ALA B 208 -10.57 2.20 9.63
CA ALA B 208 -9.17 2.54 9.42
C ALA B 208 -8.29 1.29 9.46
N GLN B 209 -8.54 0.41 10.43
CA GLN B 209 -7.74 -0.82 10.54
C GLN B 209 -7.84 -1.65 9.26
N LEU B 210 -9.05 -1.81 8.73
CA LEU B 210 -9.22 -2.59 7.50
C LEU B 210 -8.50 -1.95 6.32
N LEU B 211 -8.62 -0.63 6.17
CA LEU B 211 -8.01 0.02 5.02
C LEU B 211 -6.49 0.08 5.12
N LEU B 212 -5.94 0.09 6.33
CA LEU B 212 -4.49 0.09 6.46
C LEU B 212 -3.88 -1.25 6.06
N ILE B 213 -4.65 -2.33 6.20
CA ILE B 213 -4.18 -3.64 5.74
C ILE B 213 -4.06 -3.68 4.22
N LEU B 214 -4.83 -2.86 3.51
CA LEU B 214 -4.67 -2.78 2.06
C LEU B 214 -3.28 -2.28 1.68
N SER B 215 -2.65 -1.47 2.54
CA SER B 215 -1.29 -1.03 2.26
C SER B 215 -0.31 -2.20 2.30
N HIS B 216 -0.50 -3.13 3.23
CA HIS B 216 0.37 -4.31 3.31
CA HIS B 216 0.38 -4.29 3.30
C HIS B 216 0.08 -5.27 2.17
N ILE B 217 -1.19 -5.41 1.80
CA ILE B 217 -1.54 -6.23 0.63
C ILE B 217 -0.86 -5.67 -0.62
N ARG B 218 -0.87 -4.34 -0.77
CA ARG B 218 -0.12 -3.70 -1.85
C ARG B 218 1.36 -4.05 -1.77
N HIS B 219 1.94 -4.00 -0.57
CA HIS B 219 3.35 -4.34 -0.40
C HIS B 219 3.62 -5.79 -0.79
N MET B 220 2.75 -6.71 -0.35
CA MET B 220 2.94 -8.12 -0.70
C MET B 220 2.85 -8.33 -2.21
N SER B 221 1.93 -7.63 -2.88
CA SER B 221 1.82 -7.74 -4.32
C SER B 221 3.09 -7.25 -5.02
N ASN B 222 3.64 -6.13 -4.57
CA ASN B 222 4.87 -5.61 -5.19
C ASN B 222 6.03 -6.58 -5.00
N LYS B 223 6.20 -7.10 -3.79
CA LYS B 223 7.24 -8.09 -3.55
C LYS B 223 6.94 -9.39 -4.31
N GLY B 224 5.67 -9.76 -4.43
CA GLY B 224 5.32 -10.94 -5.20
C GLY B 224 5.57 -10.77 -6.68
N MET B 225 5.25 -9.60 -7.22
CA MET B 225 5.48 -9.34 -8.64
C MET B 225 6.97 -9.40 -8.98
N GLU B 226 7.82 -8.90 -8.07
CA GLU B 226 9.26 -9.04 -8.23
C GLU B 226 9.67 -10.50 -8.37
N HIS B 227 9.07 -11.38 -7.55
CA HIS B 227 9.43 -12.78 -7.59
C HIS B 227 9.01 -13.44 -8.90
N LEU B 228 7.82 -13.10 -9.40
CA LEU B 228 7.34 -13.67 -10.65
C LEU B 228 8.17 -13.23 -11.84
N TYR B 229 8.72 -12.01 -11.79
CA TYR B 229 9.63 -11.57 -12.84
C TYR B 229 10.90 -12.42 -12.86
N SER B 230 11.31 -12.93 -11.70
CA SER B 230 12.49 -13.81 -11.65
C SER B 230 12.19 -15.17 -12.25
N MET B 231 11.01 -15.73 -11.99
CA MET B 231 10.66 -17.03 -12.54
C MET B 231 10.56 -16.99 -14.06
N LYS B 232 10.22 -15.84 -14.62
CA LYS B 232 10.16 -15.67 -16.07
C LYS B 232 11.55 -15.77 -16.69
N CYS B 233 12.51 -15.06 -16.10
CA CYS B 233 13.90 -15.11 -16.57
C CYS B 233 14.59 -16.42 -16.18
N LYS B 234 14.08 -17.09 -15.16
CA LYS B 234 14.59 -18.40 -14.78
C LYS B 234 13.99 -19.47 -15.67
N ASN B 235 12.79 -19.18 -16.20
CA ASN B 235 12.04 -20.10 -17.07
C ASN B 235 11.85 -21.45 -16.39
N VAL B 236 11.68 -21.44 -15.06
CA VAL B 236 11.54 -22.69 -14.31
C VAL B 236 10.19 -23.33 -14.58
N VAL B 237 9.13 -22.52 -14.60
CA VAL B 237 7.78 -22.99 -14.86
C VAL B 237 7.23 -22.21 -16.04
N PRO B 238 6.65 -22.88 -17.05
CA PRO B 238 6.07 -22.15 -18.18
C PRO B 238 4.85 -21.36 -17.73
N LEU B 239 4.88 -20.05 -18.00
CA LEU B 239 3.78 -19.16 -17.67
C LEU B 239 2.87 -18.97 -18.88
N SER B 240 1.57 -18.88 -18.63
CA SER B 240 0.62 -18.69 -19.71
C SER B 240 0.74 -17.28 -20.29
N ASP B 241 0.28 -17.14 -21.54
CA ASP B 241 0.36 -15.85 -22.21
C ASP B 241 -0.46 -14.79 -21.49
N LEU B 242 -1.58 -15.18 -20.87
CA LEU B 242 -2.35 -14.22 -20.09
C LEU B 242 -1.57 -13.74 -18.88
N LEU B 243 -0.97 -14.66 -18.14
CA LEU B 243 -0.11 -14.27 -17.02
C LEU B 243 1.06 -13.43 -17.49
N LEU B 244 1.65 -13.79 -18.63
CA LEU B 244 2.75 -13.01 -19.17
C LEU B 244 2.31 -11.59 -19.51
N GLU B 245 1.07 -11.41 -19.97
CA GLU B 245 0.59 -10.06 -20.25
C GLU B 245 0.28 -9.30 -18.97
N MET B 246 -0.28 -9.99 -17.97
CA MET B 246 -0.53 -9.33 -16.68
C MET B 246 0.78 -8.99 -15.98
N LEU B 247 1.78 -9.89 -16.08
CA LEU B 247 3.05 -9.66 -15.43
C LEU B 247 3.86 -8.59 -16.15
N ASP B 248 3.86 -8.61 -17.48
CA ASP B 248 4.62 -7.63 -18.26
C ASP B 248 4.08 -6.22 -18.10
N ALA B 249 2.83 -6.06 -17.67
CA ALA B 249 2.24 -4.74 -17.47
C ALA B 249 2.86 -3.99 -16.31
N HIS B 250 3.70 -4.63 -15.50
CA HIS B 250 4.35 -4.00 -14.37
C HIS B 250 5.81 -3.66 -14.64
N ARG B 251 6.32 -3.95 -15.83
CA ARG B 251 7.69 -3.65 -16.23
C ARG B 251 8.71 -4.19 -15.22
N LYS C 3 24.47 -0.95 13.28
CA LYS C 3 23.69 -0.14 12.36
C LYS C 3 23.77 1.34 12.71
N ILE C 4 23.92 2.18 11.68
CA ILE C 4 23.92 3.62 11.88
C ILE C 4 22.57 4.08 12.41
N LEU C 5 21.48 3.48 11.92
CA LEU C 5 20.15 3.82 12.42
C LEU C 5 20.00 3.49 13.90
N HIS C 6 20.59 2.37 14.33
CA HIS C 6 20.51 1.98 15.73
C HIS C 6 21.24 2.98 16.63
N ARG C 7 22.43 3.41 16.21
CA ARG C 7 23.20 4.35 17.02
C ARG C 7 22.50 5.71 17.10
N LEU C 8 21.96 6.18 15.98
CA LEU C 8 21.29 7.48 15.97
C LEU C 8 20.03 7.46 16.83
N LEU C 9 19.34 6.32 16.90
CA LEU C 9 18.17 6.21 17.76
C LEU C 9 18.54 6.16 19.24
N GLN C 10 19.79 5.83 19.56
CA GLN C 10 20.22 5.82 20.96
C GLN C 10 20.62 7.21 21.43
N ASP C 11 21.57 7.84 20.74
CA ASP C 11 22.06 9.17 21.13
C ASP C 11 20.96 10.22 21.05
N HIS D 2 -4.51 -5.50 -28.79
CA HIS D 2 -4.07 -6.89 -28.97
C HIS D 2 -3.66 -7.51 -27.63
N LYS D 3 -4.63 -7.67 -26.73
CA LYS D 3 -4.42 -8.30 -25.44
C LYS D 3 -5.50 -9.36 -25.21
N ILE D 4 -5.09 -10.47 -24.58
CA ILE D 4 -6.07 -11.46 -24.15
C ILE D 4 -7.06 -10.85 -23.16
N LEU D 5 -6.61 -9.87 -22.38
CA LEU D 5 -7.48 -9.22 -21.41
C LEU D 5 -8.64 -8.49 -22.09
N HIS D 6 -8.40 -7.94 -23.28
CA HIS D 6 -9.47 -7.27 -24.02
C HIS D 6 -10.58 -8.27 -24.38
N ARG D 7 -10.21 -9.42 -24.93
CA ARG D 7 -11.21 -10.40 -25.32
C ARG D 7 -12.01 -10.90 -24.13
N LEU D 8 -11.32 -11.19 -23.02
CA LEU D 8 -12.02 -11.71 -21.84
C LEU D 8 -12.95 -10.67 -21.23
N LEU D 9 -12.63 -9.38 -21.38
CA LEU D 9 -13.51 -8.33 -20.89
C LEU D 9 -14.69 -8.07 -21.81
N GLN D 10 -14.58 -8.42 -23.10
CA GLN D 10 -15.68 -8.24 -24.04
C GLN D 10 -16.53 -9.50 -24.22
N ASP D 11 -16.07 -10.65 -23.73
CA ASP D 11 -16.85 -11.88 -23.82
C ASP D 11 -17.87 -11.97 -22.69
C01 7EV E . 13.64 11.04 -3.76
C02 7EV E . 12.57 10.80 -4.83
C03 7EV E . 12.08 9.35 -4.78
C04 7EV E . 13.40 8.61 -5.11
C05 7EV E . 14.73 10.38 -4.22
C06 7EV E . 14.26 9.82 -5.55
O01 7EV E . 13.33 10.77 -6.00
C07 7EV E . 13.40 11.85 -2.71
C08 7EV E . 15.76 9.78 -3.59
C09 7EV E . 12.15 12.16 -2.34
C10 7EV E . 11.89 12.97 -1.31
C11 7EV E . 12.87 13.52 -0.58
C12 7EV E . 14.13 13.22 -0.93
C13 7EV E . 14.39 12.40 -1.97
C14 7EV E . 16.94 9.60 -4.21
C15 7EV E . 17.98 9.00 -3.62
C16 7EV E . 17.91 8.52 -2.36
C17 7EV E . 16.73 8.69 -1.73
C18 7EV E . 15.70 9.29 -2.33
O02 7EV E . 12.60 14.34 0.47
O03 7EV E . 19.04 7.91 -1.84
S01 7EV E . 13.33 7.34 -6.33
O07 7EV E . 12.43 7.63 -7.44
O08 7EV E . 14.72 7.41 -7.29
O06 7EV E . 13.52 5.97 -5.84
C01 7EV F . 0.21 -16.71 -5.59
C02 7EV F . 0.89 -16.01 -4.43
C03 7EV F . 1.68 -14.80 -4.95
C04 7EV F . 2.89 -15.49 -5.63
C05 7EV F . 1.24 -17.14 -6.34
C06 7EV F . 2.46 -16.95 -5.43
O01 7EV F . 1.91 -16.91 -4.12
C07 7EV F . -1.11 -16.98 -5.60
C08 7EV F . 1.41 -17.20 -7.68
C09 7EV F . -1.93 -16.39 -4.70
C10 7EV F . -3.24 -16.64 -4.66
C11 7EV F . -3.83 -17.50 -5.51
C12 7EV F . -3.03 -18.10 -6.41
C13 7EV F . -1.70 -17.85 -6.45
C14 7EV F . 2.23 -18.12 -8.23
C15 7EV F . 2.42 -18.20 -9.56
C16 7EV F . 1.81 -17.37 -10.42
C17 7EV F . 0.99 -16.45 -9.88
C18 7EV F . 0.80 -16.37 -8.55
O02 7EV F . -5.16 -17.74 -5.46
O03 7EV F . 2.07 -17.52 -11.77
S01 7EV F . 4.48 -15.12 -4.95
O07 7EV F . 4.54 -15.25 -3.49
O08 7EV F . 5.26 -14.09 -5.62
O06 7EV F . 5.55 -16.38 -5.22
#